data_2I8U
#
_entry.id   2I8U
#
_cell.length_a   49.588
_cell.length_b   81.151
_cell.length_c   97.982
_cell.angle_alpha   90.000
_cell.angle_beta   90.000
_cell.angle_gamma   90.000
#
_symmetry.space_group_name_H-M   'P 21 21 21'
#
loop_
_entity.id
_entity.type
_entity.pdbx_description
1 polymer 'GDP-mannose mannosyl hydrolase'
2 non-polymer 'CALCIUM ION'
3 non-polymer "GUANOSINE-5'-DIPHOSPHATE"
4 water water
#
_entity_poly.entity_id   1
_entity_poly.type   'polypeptide(L)'
_entity_poly.pdbx_seq_one_letter_code
;MMFLRQEDFATVVRSTPLVSLDFIVENSRGEFLLGKRTNRPAQGYWFVPGGRVQKDETLEAAFERLTMAELGLRLPITAG
QFYGVWQHFYDDNFSGTDFTTHYVVLGFRFRVAEEELLLPDEQHDDYRWLTPDALLASENVHANSRVYFNNDPRAIIGLN
KKEVKNV
;
_entity_poly.pdbx_strand_id   A,B
#
loop_
_chem_comp.id
_chem_comp.type
_chem_comp.name
_chem_comp.formula
CA non-polymer 'CALCIUM ION' 'Ca 2'
GDP RNA linking GUANOSINE-5'-DIPHOSPHATE 'C10 H15 N5 O11 P2'
#
# COMPACT_ATOMS: atom_id res chain seq x y z
N MET A 1 0.57 -16.09 12.03
CA MET A 1 -0.43 -15.31 11.24
C MET A 1 0.14 -13.99 10.72
N MET A 2 0.98 -13.36 11.53
CA MET A 2 1.58 -12.08 11.16
C MET A 2 2.92 -12.33 10.50
N PHE A 3 3.89 -12.85 11.26
CA PHE A 3 5.17 -13.22 10.66
C PHE A 3 4.93 -14.62 10.11
N LEU A 4 4.96 -14.72 8.78
CA LEU A 4 4.58 -15.94 8.09
C LEU A 4 5.67 -17.01 8.04
N ARG A 5 5.22 -18.25 7.96
CA ARG A 5 6.12 -19.36 7.69
C ARG A 5 6.73 -19.08 6.32
N GLN A 6 7.96 -19.54 6.10
CA GLN A 6 8.63 -19.32 4.82
C GLN A 6 7.78 -19.76 3.63
N GLU A 7 7.11 -20.90 3.76
CA GLU A 7 6.27 -21.40 2.67
C GLU A 7 5.18 -20.40 2.27
N ASP A 8 4.55 -19.81 3.27
CA ASP A 8 3.47 -18.86 3.03
C ASP A 8 4.02 -17.53 2.51
N PHE A 9 5.16 -17.10 3.04
CA PHE A 9 5.78 -15.87 2.57
C PHE A 9 6.19 -16.01 1.10
N ALA A 10 6.71 -17.17 0.72
CA ALA A 10 7.07 -17.40 -0.67
C ALA A 10 5.85 -17.27 -1.58
N THR A 11 4.73 -17.88 -1.20
CA THR A 11 3.52 -17.76 -2.00
C THR A 11 3.08 -16.30 -2.12
N VAL A 12 3.13 -15.58 -1.01
CA VAL A 12 2.79 -14.16 -0.99
C VAL A 12 3.68 -13.35 -1.93
N VAL A 13 4.99 -13.48 -1.80
CA VAL A 13 5.90 -12.69 -2.64
C VAL A 13 5.72 -13.02 -4.12
N ARG A 14 5.56 -14.30 -4.44
CA ARG A 14 5.30 -14.69 -5.82
C ARG A 14 4.02 -14.10 -6.39
N SER A 15 3.00 -13.98 -5.54
CA SER A 15 1.64 -13.73 -6.02
C SER A 15 1.03 -12.34 -5.89
N THR A 16 1.63 -11.45 -5.12
CA THR A 16 0.96 -10.19 -4.84
C THR A 16 1.96 -9.14 -4.36
N PRO A 17 1.63 -7.85 -4.49
CA PRO A 17 2.56 -6.87 -3.93
C PRO A 17 2.66 -6.89 -2.41
N LEU A 18 3.87 -6.66 -1.92
CA LEU A 18 4.09 -6.40 -0.51
C LEU A 18 3.76 -4.93 -0.28
N VAL A 19 3.42 -4.59 0.96
CA VAL A 19 3.19 -3.20 1.36
C VAL A 19 4.27 -2.91 2.40
N SER A 20 5.06 -1.86 2.18
CA SER A 20 6.14 -1.56 3.12
C SER A 20 6.19 -0.10 3.54
N LEU A 21 6.92 0.13 4.62
CA LEU A 21 7.24 1.47 5.09
C LEU A 21 8.74 1.63 4.90
N ASP A 22 9.16 2.68 4.21
CA ASP A 22 10.57 3.05 4.11
C ASP A 22 10.81 4.28 4.96
N PHE A 23 11.93 4.30 5.68
CA PHE A 23 12.27 5.36 6.60
C PHE A 23 13.43 6.22 6.10
N ILE A 24 13.15 7.50 5.92
CA ILE A 24 14.12 8.52 5.53
C ILE A 24 14.50 9.13 6.88
N VAL A 25 15.64 8.71 7.41
CA VAL A 25 16.04 8.99 8.79
C VAL A 25 17.18 9.99 8.82
N GLU A 26 16.91 11.17 9.38
CA GLU A 26 17.88 12.25 9.42
C GLU A 26 18.50 12.36 10.80
N ASN A 27 19.74 12.83 10.89
CA ASN A 27 20.36 13.12 12.18
C ASN A 27 20.36 14.63 12.42
N SER A 28 20.92 15.06 13.55
CA SER A 28 20.89 16.48 13.90
C SER A 28 21.74 17.37 13.00
N ARG A 29 22.57 16.78 12.15
CA ARG A 29 23.41 17.57 11.24
C ARG A 29 22.91 17.55 9.80
N GLY A 30 21.76 16.94 9.56
CA GLY A 30 21.19 16.91 8.21
C GLY A 30 21.67 15.78 7.31
N GLU A 31 22.29 14.76 7.90
CA GLU A 31 22.70 13.57 7.16
C GLU A 31 21.62 12.50 7.31
N PHE A 32 21.61 11.52 6.41
CA PHE A 32 20.59 10.48 6.40
C PHE A 32 21.18 9.07 6.48
N LEU A 33 20.45 8.19 7.15
CA LEU A 33 20.92 6.84 7.45
C LEU A 33 20.67 5.83 6.33
N LEU A 34 21.74 5.15 5.93
CA LEU A 34 21.66 4.07 4.96
C LEU A 34 22.39 2.87 5.56
N GLY A 35 21.87 1.68 5.27
CA GLY A 35 22.49 0.43 5.70
C GLY A 35 22.85 -0.40 4.48
N LYS A 36 23.92 -1.19 4.59
CA LYS A 36 24.34 -2.05 3.49
C LYS A 36 23.62 -3.38 3.66
N ARG A 37 22.66 -3.63 2.78
CA ARG A 37 21.78 -4.79 2.91
C ARG A 37 22.45 -6.14 2.76
N THR A 38 22.14 -7.04 3.69
CA THR A 38 22.65 -8.40 3.63
C THR A 38 21.66 -9.40 3.04
N ASN A 39 20.38 -9.01 2.92
CA ASN A 39 19.36 -9.89 2.34
C ASN A 39 18.92 -9.42 0.96
N ARG A 40 18.38 -10.36 0.19
CA ARG A 40 17.73 -10.04 -1.08
C ARG A 40 16.31 -9.57 -0.74
N PRO A 41 15.69 -8.74 -1.60
CA PRO A 41 16.24 -8.16 -2.82
C PRO A 41 17.11 -6.94 -2.48
N ALA A 42 17.74 -6.35 -3.48
CA ALA A 42 18.67 -5.24 -3.29
C ALA A 42 19.83 -5.62 -2.36
N GLN A 43 20.22 -6.89 -2.39
CA GLN A 43 21.31 -7.37 -1.56
C GLN A 43 22.62 -6.70 -1.96
N GLY A 44 23.40 -6.28 -0.97
CA GLY A 44 24.69 -5.64 -1.20
C GLY A 44 24.63 -4.16 -1.53
N TYR A 45 23.43 -3.60 -1.65
CA TYR A 45 23.27 -2.17 -1.89
C TYR A 45 23.06 -1.42 -0.59
N TRP A 46 23.48 -0.16 -0.58
CA TRP A 46 23.15 0.75 0.51
C TRP A 46 21.69 1.12 0.27
N PHE A 47 20.90 1.10 1.34
CA PHE A 47 19.45 1.30 1.23
C PHE A 47 18.92 1.90 2.52
N VAL A 48 17.81 2.61 2.43
CA VAL A 48 17.17 3.13 3.63
C VAL A 48 16.59 1.96 4.45
N PRO A 49 16.49 2.13 5.77
CA PRO A 49 15.82 1.11 6.56
C PRO A 49 14.33 1.10 6.25
N GLY A 50 13.69 -0.07 6.32
CA GLY A 50 12.26 -0.17 6.07
C GLY A 50 11.84 -1.62 6.07
N GLY A 51 10.54 -1.87 6.05
CA GLY A 51 10.10 -3.26 6.03
C GLY A 51 8.62 -3.37 5.73
N ARG A 52 8.15 -4.60 5.54
CA ARG A 52 6.78 -4.82 5.12
C ARG A 52 5.79 -4.86 6.28
N VAL A 53 4.55 -4.50 5.96
CA VAL A 53 3.41 -4.52 6.86
C VAL A 53 2.80 -5.92 6.82
N GLN A 54 2.47 -6.46 7.99
CA GLN A 54 1.93 -7.81 8.11
C GLN A 54 0.40 -7.86 8.08
N LYS A 55 -0.14 -9.05 7.87
CA LYS A 55 -1.58 -9.26 7.85
C LYS A 55 -2.24 -8.84 9.15
N ASP A 56 -3.31 -8.06 9.01
CA ASP A 56 -4.10 -7.53 10.10
C ASP A 56 -3.33 -6.60 11.04
N GLU A 57 -2.22 -6.07 10.57
CA GLU A 57 -1.41 -5.13 11.33
C GLU A 57 -1.76 -3.72 10.87
N THR A 58 -2.08 -2.82 11.80
CA THR A 58 -2.35 -1.44 11.42
C THR A 58 -1.03 -0.76 11.04
N LEU A 59 -1.14 0.29 10.24
CA LEU A 59 0.05 1.05 9.84
C LEU A 59 0.71 1.66 11.07
N GLU A 60 -0.11 2.08 12.03
CA GLU A 60 0.38 2.64 13.28
C GLU A 60 1.23 1.62 14.03
N ALA A 61 0.75 0.38 14.13
CA ALA A 61 1.49 -0.68 14.81
C ALA A 61 2.73 -1.09 14.01
N ALA A 62 2.60 -1.14 12.69
CA ALA A 62 3.74 -1.52 11.85
C ALA A 62 4.88 -0.51 12.00
N PHE A 63 4.53 0.77 12.08
CA PHE A 63 5.54 1.82 12.21
C PHE A 63 6.35 1.61 13.49
N GLU A 64 5.67 1.28 14.58
CA GLU A 64 6.36 1.03 15.84
C GLU A 64 7.20 -0.25 15.81
N ARG A 65 6.65 -1.32 15.27
CA ARG A 65 7.40 -2.56 15.15
C ARG A 65 8.65 -2.39 14.28
N LEU A 66 8.47 -1.72 13.16
CA LEU A 66 9.55 -1.54 12.19
C LEU A 66 10.64 -0.56 12.61
N THR A 67 10.28 0.54 13.25
CA THR A 67 11.31 1.44 13.75
C THR A 67 12.13 0.69 14.81
N MET A 68 11.48 -0.04 15.70
CA MET A 68 12.21 -0.83 16.69
C MET A 68 13.11 -1.87 16.03
N ALA A 69 12.58 -2.61 15.05
CA ALA A 69 13.35 -3.66 14.41
C ALA A 69 14.51 -3.15 13.55
N GLU A 70 14.30 -2.01 12.91
CA GLU A 70 15.29 -1.45 11.99
C GLU A 70 16.34 -0.55 12.65
N LEU A 71 15.91 0.22 13.64
CA LEU A 71 16.76 1.21 14.27
C LEU A 71 17.10 0.95 15.73
N GLY A 72 16.44 -0.02 16.34
CA GLY A 72 16.59 -0.28 17.77
C GLY A 72 15.91 0.74 18.64
N LEU A 73 15.04 1.55 18.04
CA LEU A 73 14.33 2.63 18.72
C LEU A 73 12.89 2.66 18.22
N ARG A 74 11.94 2.45 19.13
CA ARG A 74 10.53 2.49 18.77
C ARG A 74 10.04 3.93 18.72
N LEU A 75 9.48 4.31 17.58
CA LEU A 75 8.90 5.63 17.41
C LEU A 75 7.44 5.47 16.98
N PRO A 76 6.57 6.40 17.38
CA PRO A 76 5.18 6.37 16.95
C PRO A 76 5.03 6.98 15.56
N ILE A 77 4.00 6.57 14.82
CA ILE A 77 3.80 7.07 13.45
C ILE A 77 3.61 8.59 13.42
N THR A 78 3.15 9.17 14.53
CA THR A 78 3.00 10.62 14.62
C THR A 78 4.33 11.35 14.48
N ALA A 79 5.45 10.66 14.70
CA ALA A 79 6.77 11.27 14.52
C ALA A 79 7.15 11.38 13.05
N GLY A 80 6.48 10.63 12.18
CA GLY A 80 6.85 10.60 10.76
C GLY A 80 6.13 11.58 9.87
N GLN A 81 6.86 12.11 8.90
CA GLN A 81 6.32 12.95 7.85
C GLN A 81 6.04 12.02 6.66
N PHE A 82 4.79 11.92 6.24
CA PHE A 82 4.46 11.11 5.07
C PHE A 82 5.28 11.64 3.90
N TYR A 83 5.93 10.73 3.19
CA TYR A 83 6.91 11.09 2.17
C TYR A 83 6.60 10.44 0.82
N GLY A 84 5.31 10.21 0.56
CA GLY A 84 4.86 9.71 -0.73
C GLY A 84 4.67 8.21 -0.84
N VAL A 85 4.05 7.81 -1.94
CA VAL A 85 3.84 6.41 -2.30
C VAL A 85 4.79 6.11 -3.45
N TRP A 86 5.53 5.02 -3.30
CA TRP A 86 6.56 4.60 -4.26
C TRP A 86 6.33 3.14 -4.61
N GLN A 87 7.02 2.68 -5.64
CA GLN A 87 6.91 1.28 -6.06
C GLN A 87 8.29 0.76 -6.37
N HIS A 88 8.62 -0.39 -5.78
CA HIS A 88 9.92 -1.01 -5.97
C HIS A 88 9.75 -2.40 -6.57
N PHE A 89 10.40 -2.65 -7.69
CA PHE A 89 10.34 -3.92 -8.41
C PHE A 89 11.73 -4.53 -8.49
N TYR A 90 11.86 -5.79 -8.10
CA TYR A 90 13.13 -6.50 -8.14
C TYR A 90 12.95 -7.84 -8.85
N ASP A 91 13.99 -8.25 -9.57
CA ASP A 91 13.94 -9.51 -10.32
C ASP A 91 14.17 -10.74 -9.44
N ASP A 92 14.58 -10.54 -8.19
CA ASP A 92 14.81 -11.64 -7.27
C ASP A 92 13.94 -11.48 -6.02
N ASN A 93 14.15 -12.34 -5.03
CA ASN A 93 13.38 -12.33 -3.81
C ASN A 93 14.20 -12.86 -2.64
N PHE A 94 13.64 -12.76 -1.44
CA PHE A 94 14.29 -13.17 -0.20
C PHE A 94 14.95 -14.55 -0.26
N SER A 95 14.33 -15.49 -0.96
CA SER A 95 14.80 -16.87 -1.05
C SER A 95 15.70 -17.20 -2.23
N GLY A 96 15.87 -16.29 -3.19
CA GLY A 96 16.70 -16.58 -4.35
C GLY A 96 16.27 -15.85 -5.60
N THR A 97 16.48 -16.47 -6.76
CA THR A 97 16.23 -15.83 -8.05
C THR A 97 15.09 -16.43 -8.86
N ASP A 98 14.24 -17.21 -8.21
CA ASP A 98 13.15 -17.93 -8.87
C ASP A 98 11.91 -17.12 -9.22
N PHE A 99 11.75 -15.95 -8.59
CA PHE A 99 10.61 -15.09 -8.84
C PHE A 99 10.93 -13.68 -8.38
N THR A 100 10.11 -12.73 -8.84
CA THR A 100 10.30 -11.32 -8.55
C THR A 100 9.66 -10.88 -7.23
N THR A 101 10.06 -9.71 -6.76
CA THR A 101 9.46 -9.07 -5.59
C THR A 101 8.92 -7.71 -6.02
N HIS A 102 7.76 -7.37 -5.49
CA HIS A 102 7.07 -6.11 -5.78
C HIS A 102 6.64 -5.49 -4.46
N TYR A 103 7.08 -4.27 -4.19
CA TYR A 103 6.62 -3.51 -3.03
C TYR A 103 5.88 -2.25 -3.46
N VAL A 104 4.78 -1.97 -2.77
CA VAL A 104 4.13 -0.65 -2.80
C VAL A 104 4.58 -0.06 -1.47
N VAL A 105 5.24 1.09 -1.54
CA VAL A 105 5.97 1.66 -0.42
C VAL A 105 5.43 2.99 0.07
N LEU A 106 5.26 3.11 1.39
CA LEU A 106 4.87 4.36 2.02
C LEU A 106 6.13 4.92 2.67
N GLY A 107 6.59 6.06 2.18
CA GLY A 107 7.77 6.69 2.77
C GLY A 107 7.41 7.52 3.97
N PHE A 108 8.29 7.52 4.98
CA PHE A 108 8.14 8.38 6.14
C PHE A 108 9.50 8.97 6.51
N ARG A 109 9.54 10.28 6.73
CA ARG A 109 10.77 10.96 7.10
C ARG A 109 10.72 11.46 8.54
N PHE A 110 11.82 11.33 9.27
CA PHE A 110 11.89 11.82 10.64
C PHE A 110 13.36 11.92 11.05
N ARG A 111 13.59 12.81 12.01
CA ARG A 111 14.91 13.05 12.56
C ARG A 111 15.06 12.33 13.90
N VAL A 112 16.24 11.78 14.12
CA VAL A 112 16.59 11.11 15.36
C VAL A 112 17.91 11.67 15.88
N ALA A 113 18.24 11.28 17.10
CA ALA A 113 19.54 11.54 17.70
C ALA A 113 20.29 10.22 17.50
N GLU A 114 21.38 10.25 16.76
CA GLU A 114 22.19 9.07 16.49
C GLU A 114 22.55 8.28 17.76
N GLU A 115 22.85 9.00 18.84
CA GLU A 115 23.22 8.38 20.10
C GLU A 115 22.14 7.52 20.73
N GLU A 116 20.89 7.71 20.32
CA GLU A 116 19.74 6.99 20.86
C GLU A 116 19.34 5.76 20.06
N LEU A 117 20.00 5.49 18.95
CA LEU A 117 19.69 4.29 18.18
C LEU A 117 20.52 3.13 18.69
N LEU A 118 20.05 1.92 18.42
CA LEU A 118 20.79 0.70 18.74
C LEU A 118 20.70 -0.08 17.43
N LEU A 119 21.55 0.29 16.48
CA LEU A 119 21.48 -0.26 15.13
C LEU A 119 21.78 -1.76 15.11
N PRO A 120 20.81 -2.56 14.65
CA PRO A 120 20.98 -4.01 14.61
C PRO A 120 21.81 -4.53 13.45
N ASP A 121 22.32 -5.75 13.57
CA ASP A 121 23.16 -6.31 12.52
C ASP A 121 22.50 -7.41 11.69
N GLU A 122 21.22 -7.66 11.91
CA GLU A 122 20.53 -8.74 11.22
C GLU A 122 20.35 -8.49 9.72
N GLN A 123 19.97 -7.28 9.32
CA GLN A 123 19.68 -6.97 7.92
C GLN A 123 20.71 -6.10 7.22
N HIS A 124 21.66 -5.55 7.96
CA HIS A 124 22.69 -4.71 7.37
C HIS A 124 24.03 -5.02 8.03
N ASP A 125 25.10 -5.06 7.24
CA ASP A 125 26.43 -5.31 7.80
C ASP A 125 27.25 -4.04 8.01
N ASP A 126 26.67 -2.87 7.71
CA ASP A 126 27.32 -1.59 7.95
C ASP A 126 26.25 -0.51 7.84
N TYR A 127 26.49 0.64 8.47
CA TYR A 127 25.59 1.78 8.43
C TYR A 127 26.40 3.06 8.26
N ARG A 128 25.87 4.00 7.48
CA ARG A 128 26.49 5.30 7.27
C ARG A 128 25.44 6.40 7.29
N TRP A 129 25.88 7.59 7.69
CA TRP A 129 25.05 8.79 7.68
C TRP A 129 25.64 9.65 6.57
N LEU A 130 24.88 9.82 5.48
CA LEU A 130 25.35 10.50 4.29
C LEU A 130 24.56 11.76 3.97
N THR A 131 25.23 12.72 3.33
CA THR A 131 24.52 13.91 2.88
C THR A 131 23.76 13.50 1.61
N PRO A 132 22.66 14.20 1.30
CA PRO A 132 21.96 13.95 0.04
C PRO A 132 22.87 13.98 -1.18
N ASP A 133 23.75 14.98 -1.27
CA ASP A 133 24.66 15.06 -2.41
C ASP A 133 25.57 13.84 -2.51
N ALA A 134 26.06 13.36 -1.37
CA ALA A 134 26.93 12.20 -1.35
C ALA A 134 26.22 10.92 -1.77
N LEU A 135 25.04 10.66 -1.22
CA LEU A 135 24.34 9.42 -1.57
C LEU A 135 23.86 9.43 -3.01
N LEU A 136 23.49 10.60 -3.53
CA LEU A 136 23.07 10.72 -4.92
C LEU A 136 24.17 10.43 -5.93
N ALA A 137 25.43 10.59 -5.52
CA ALA A 137 26.58 10.38 -6.38
C ALA A 137 27.09 8.94 -6.46
N SER A 138 26.54 8.03 -5.67
CA SER A 138 27.04 6.65 -5.61
C SER A 138 26.11 5.60 -6.20
N GLU A 139 26.61 4.82 -7.16
CA GLU A 139 25.80 3.75 -7.76
C GLU A 139 25.64 2.60 -6.77
N ASN A 140 26.38 2.61 -5.66
CA ASN A 140 26.23 1.58 -4.65
C ASN A 140 25.03 1.84 -3.72
N VAL A 141 24.44 3.02 -3.83
CA VAL A 141 23.19 3.33 -3.14
C VAL A 141 22.12 2.99 -4.18
N HIS A 142 21.19 2.11 -3.82
CA HIS A 142 20.21 1.67 -4.81
C HIS A 142 19.35 2.82 -5.31
N ALA A 143 19.00 2.79 -6.59
CA ALA A 143 18.14 3.82 -7.20
C ALA A 143 16.85 4.07 -6.43
N ASN A 144 16.26 3.01 -5.87
CA ASN A 144 15.03 3.14 -5.11
C ASN A 144 15.19 3.90 -3.79
N SER A 145 16.42 4.01 -3.30
CA SER A 145 16.72 4.87 -2.15
C SER A 145 17.18 6.25 -2.60
N ARG A 146 17.94 6.33 -3.69
CA ARG A 146 18.41 7.62 -4.18
C ARG A 146 17.26 8.58 -4.52
N VAL A 147 16.18 8.04 -5.09
CA VAL A 147 15.05 8.88 -5.51
C VAL A 147 14.39 9.66 -4.37
N TYR A 148 14.51 9.20 -3.12
CA TYR A 148 13.96 9.95 -2.00
C TYR A 148 14.66 11.28 -1.76
N PHE A 149 15.83 11.48 -2.38
CA PHE A 149 16.64 12.67 -2.17
C PHE A 149 16.80 13.48 -3.44
N MET B 2 -1.63 -10.14 -13.01
CA MET B 2 -1.59 -11.52 -12.44
C MET B 2 -2.87 -11.79 -11.65
N PHE B 3 -3.89 -12.31 -12.33
CA PHE B 3 -5.16 -12.65 -11.70
C PHE B 3 -5.03 -14.10 -11.24
N LEU B 4 -4.90 -14.23 -9.92
CA LEU B 4 -4.55 -15.49 -9.28
C LEU B 4 -5.64 -16.55 -9.30
N ARG B 5 -5.23 -17.81 -9.41
CA ARG B 5 -6.19 -18.90 -9.23
C ARG B 5 -6.74 -18.82 -7.80
N GLN B 6 -7.90 -19.43 -7.60
CA GLN B 6 -8.60 -19.31 -6.33
C GLN B 6 -7.78 -19.75 -5.13
N GLU B 7 -7.02 -20.84 -5.25
CA GLU B 7 -6.24 -21.33 -4.12
C GLU B 7 -5.21 -20.31 -3.67
N ASP B 8 -4.52 -19.71 -4.63
CA ASP B 8 -3.49 -18.75 -4.27
C ASP B 8 -4.05 -17.41 -3.83
N PHE B 9 -5.19 -17.01 -4.37
CA PHE B 9 -5.82 -15.79 -3.86
C PHE B 9 -6.25 -16.01 -2.42
N ALA B 10 -6.79 -17.18 -2.10
CA ALA B 10 -7.16 -17.50 -0.72
C ALA B 10 -5.94 -17.42 0.19
N THR B 11 -4.83 -18.05 -0.19
CA THR B 11 -3.63 -18.00 0.63
C THR B 11 -3.12 -16.57 0.80
N VAL B 12 -3.15 -15.78 -0.27
CA VAL B 12 -2.74 -14.39 -0.21
C VAL B 12 -3.60 -13.60 0.78
N VAL B 13 -4.92 -13.68 0.63
CA VAL B 13 -5.81 -12.93 1.51
C VAL B 13 -5.64 -13.36 2.96
N ARG B 14 -5.48 -14.66 3.20
CA ARG B 14 -5.23 -15.17 4.54
C ARG B 14 -3.93 -14.66 5.17
N SER B 15 -2.94 -14.41 4.32
CA SER B 15 -1.58 -14.18 4.79
C SER B 15 -0.98 -12.78 4.74
N THR B 16 -1.60 -11.84 4.03
CA THR B 16 -0.94 -10.56 3.83
C THR B 16 -1.94 -9.48 3.43
N PRO B 17 -1.61 -8.19 3.65
CA PRO B 17 -2.54 -7.17 3.15
C PRO B 17 -2.62 -7.08 1.64
N LEU B 18 -3.82 -6.83 1.15
CA LEU B 18 -4.04 -6.47 -0.24
C LEU B 18 -3.70 -4.98 -0.33
N VAL B 19 -3.37 -4.52 -1.54
CA VAL B 19 -3.12 -3.09 -1.79
C VAL B 19 -4.17 -2.71 -2.83
N SER B 20 -4.94 -1.66 -2.55
CA SER B 20 -6.00 -1.27 -3.48
C SER B 20 -6.04 0.22 -3.74
N LEU B 21 -6.77 0.56 -4.80
CA LEU B 21 -7.07 1.93 -5.17
C LEU B 21 -8.58 2.10 -5.00
N ASP B 22 -9.01 3.10 -4.23
CA ASP B 22 -10.42 3.45 -4.09
C ASP B 22 -10.64 4.78 -4.79
N PHE B 23 -11.78 4.88 -5.48
CA PHE B 23 -12.11 6.06 -6.29
C PHE B 23 -13.26 6.86 -5.69
N ILE B 24 -12.98 8.13 -5.41
CA ILE B 24 -13.96 9.09 -4.91
C ILE B 24 -14.34 9.86 -6.16
N VAL B 25 -15.45 9.46 -6.77
CA VAL B 25 -15.85 9.94 -8.10
C VAL B 25 -16.99 10.93 -8.01
N GLU B 26 -16.76 12.16 -8.47
CA GLU B 26 -17.76 13.22 -8.38
C GLU B 26 -18.43 13.48 -9.73
N ASN B 27 -19.71 13.84 -9.70
CA ASN B 27 -20.43 14.19 -10.92
C ASN B 27 -20.52 15.71 -11.04
N SER B 28 -21.43 16.22 -11.86
CA SER B 28 -21.60 17.67 -12.04
C SER B 28 -22.41 18.36 -10.94
N ARG B 29 -22.99 17.57 -10.04
CA ARG B 29 -23.87 18.05 -8.98
C ARG B 29 -23.31 17.97 -7.57
N GLY B 30 -22.01 17.76 -7.41
CA GLY B 30 -21.42 17.64 -6.08
C GLY B 30 -21.80 16.34 -5.37
N GLU B 31 -22.11 15.31 -6.15
CA GLU B 31 -22.49 14.00 -5.61
C GLU B 31 -21.41 13.01 -5.99
N PHE B 32 -21.36 11.91 -5.24
CA PHE B 32 -20.31 10.91 -5.38
C PHE B 32 -20.87 9.52 -5.66
N LEU B 33 -20.13 8.77 -6.48
CA LEU B 33 -20.60 7.47 -6.94
C LEU B 33 -20.37 6.35 -5.95
N LEU B 34 -21.45 5.65 -5.62
CA LEU B 34 -21.37 4.45 -4.79
C LEU B 34 -22.15 3.35 -5.49
N GLY B 35 -21.66 2.11 -5.37
CA GLY B 35 -22.34 0.95 -5.91
C GLY B 35 -22.69 0.00 -4.77
N LYS B 36 -23.76 -0.77 -4.93
CA LYS B 36 -24.16 -1.74 -3.91
C LYS B 36 -23.46 -3.05 -4.25
N ARG B 37 -22.50 -3.40 -3.41
CA ARG B 37 -21.62 -4.53 -3.67
C ARG B 37 -22.28 -5.90 -3.67
N THR B 38 -21.94 -6.72 -4.66
CA THR B 38 -22.43 -8.09 -4.71
C THR B 38 -21.40 -9.11 -4.23
N ASN B 39 -20.15 -8.70 -4.02
CA ASN B 39 -19.12 -9.60 -3.51
C ASN B 39 -18.70 -9.24 -2.10
N ARG B 40 -18.26 -10.25 -1.35
CA ARG B 40 -17.60 -10.03 -0.06
C ARG B 40 -16.18 -9.57 -0.34
N PRO B 41 -15.56 -8.82 0.60
CA PRO B 41 -16.12 -8.31 1.85
C PRO B 41 -16.98 -7.08 1.58
N ALA B 42 -17.66 -6.59 2.61
CA ALA B 42 -18.59 -5.45 2.50
C ALA B 42 -19.71 -5.75 1.51
N GLN B 43 -20.11 -7.01 1.44
CA GLN B 43 -21.17 -7.43 0.54
C GLN B 43 -22.50 -6.83 1.00
N GLY B 44 -23.29 -6.33 0.05
CA GLY B 44 -24.59 -5.74 0.36
C GLY B 44 -24.56 -4.32 0.86
N TYR B 45 -23.37 -3.74 0.98
CA TYR B 45 -23.22 -2.34 1.37
C TYR B 45 -22.99 -1.48 0.15
N TRP B 46 -23.40 -0.23 0.24
CA TRP B 46 -23.00 0.78 -0.73
C TRP B 46 -21.54 1.09 -0.43
N PHE B 47 -20.73 1.17 -1.48
CA PHE B 47 -19.30 1.37 -1.33
C PHE B 47 -18.75 2.09 -2.56
N VAL B 48 -17.66 2.82 -2.39
CA VAL B 48 -17.03 3.47 -3.53
C VAL B 48 -16.42 2.40 -4.45
N PRO B 49 -16.31 2.70 -5.76
CA PRO B 49 -15.63 1.76 -6.63
C PRO B 49 -14.13 1.72 -6.33
N GLY B 50 -13.52 0.56 -6.50
CA GLY B 50 -12.09 0.41 -6.26
C GLY B 50 -11.69 -1.05 -6.41
N GLY B 51 -10.38 -1.32 -6.41
CA GLY B 51 -9.94 -2.70 -6.55
C GLY B 51 -8.47 -2.86 -6.24
N ARG B 52 -8.02 -4.10 -6.14
CA ARG B 52 -6.65 -4.36 -5.73
C ARG B 52 -5.66 -4.31 -6.89
N VAL B 53 -4.43 -3.95 -6.53
CA VAL B 53 -3.30 -3.91 -7.43
C VAL B 53 -2.69 -5.32 -7.50
N GLN B 54 -2.39 -5.78 -8.71
CA GLN B 54 -1.85 -7.12 -8.92
C GLN B 54 -0.32 -7.15 -8.87
N LYS B 55 0.23 -8.35 -8.74
CA LYS B 55 1.67 -8.57 -8.72
C LYS B 55 2.32 -8.04 -9.98
N ASP B 56 3.39 -7.26 -9.79
CA ASP B 56 4.20 -6.66 -10.85
C ASP B 56 3.46 -5.64 -11.71
N GLU B 57 2.33 -5.15 -11.21
CA GLU B 57 1.53 -4.14 -11.90
C GLU B 57 1.89 -2.77 -11.34
N THR B 58 2.21 -1.81 -12.20
CA THR B 58 2.48 -0.47 -11.72
C THR B 58 1.17 0.19 -11.28
N LEU B 59 1.28 1.19 -10.41
CA LEU B 59 0.09 1.91 -9.96
C LEU B 59 -0.56 2.63 -11.13
N GLU B 60 0.26 3.11 -12.06
CA GLU B 60 -0.23 3.78 -13.26
C GLU B 60 -1.08 2.82 -14.09
N ALA B 61 -0.60 1.60 -14.30
CA ALA B 61 -1.34 0.59 -15.05
C ALA B 61 -2.58 0.15 -14.29
N ALA B 62 -2.46 -0.03 -12.97
CA ALA B 62 -3.60 -0.42 -12.16
C ALA B 62 -4.72 0.60 -12.22
N PHE B 63 -4.37 1.89 -12.22
CA PHE B 63 -5.38 2.94 -12.26
C PHE B 63 -6.19 2.84 -13.54
N GLU B 64 -5.51 2.61 -14.67
CA GLU B 64 -6.21 2.47 -15.95
C GLU B 64 -7.06 1.21 -16.01
N ARG B 65 -6.52 0.08 -15.56
CA ARG B 65 -7.28 -1.16 -15.55
C ARG B 65 -8.51 -1.06 -14.65
N LEU B 66 -8.32 -0.50 -13.47
CA LEU B 66 -9.40 -0.42 -12.48
C LEU B 66 -10.46 0.61 -12.83
N THR B 67 -10.10 1.77 -13.36
CA THR B 67 -11.14 2.71 -13.80
C THR B 67 -11.96 2.07 -14.92
N MET B 68 -11.32 1.39 -15.86
CA MET B 68 -12.06 0.73 -16.92
C MET B 68 -12.97 -0.36 -16.34
N ALA B 69 -12.43 -1.20 -15.46
CA ALA B 69 -13.20 -2.30 -14.88
C ALA B 69 -14.35 -1.85 -13.99
N GLU B 70 -14.14 -0.78 -13.23
CA GLU B 70 -15.11 -0.31 -12.26
C GLU B 70 -16.14 0.68 -12.81
N LEU B 71 -15.70 1.53 -13.74
CA LEU B 71 -16.54 2.61 -14.26
C LEU B 71 -16.90 2.46 -15.73
N GLY B 72 -16.27 1.53 -16.43
CA GLY B 72 -16.46 1.37 -17.86
C GLY B 72 -15.76 2.44 -18.68
N LEU B 73 -14.89 3.22 -18.05
CA LEU B 73 -14.17 4.33 -18.67
C LEU B 73 -12.72 4.32 -18.19
N ARG B 74 -11.78 4.16 -19.11
CA ARG B 74 -10.37 4.18 -18.77
C ARG B 74 -9.91 5.62 -18.56
N LEU B 75 -9.31 5.87 -17.40
CA LEU B 75 -8.74 7.18 -17.06
C LEU B 75 -7.29 6.96 -16.66
N PRO B 76 -6.40 7.92 -16.98
CA PRO B 76 -5.01 7.81 -16.55
C PRO B 76 -4.87 8.30 -15.11
N ILE B 77 -3.84 7.84 -14.41
CA ILE B 77 -3.62 8.23 -13.01
C ILE B 77 -3.48 9.74 -12.83
N THR B 78 -3.05 10.44 -13.86
CA THR B 78 -2.93 11.88 -13.83
C THR B 78 -4.27 12.60 -13.65
N ALA B 79 -5.36 11.91 -13.93
CA ALA B 79 -6.70 12.46 -13.70
C ALA B 79 -7.09 12.45 -12.22
N GLY B 80 -6.45 11.62 -11.42
CA GLY B 80 -6.77 11.50 -10.01
C GLY B 80 -5.97 12.40 -9.09
N GLN B 81 -6.65 12.93 -8.08
CA GLN B 81 -6.01 13.69 -7.01
C GLN B 81 -5.83 12.72 -5.86
N PHE B 82 -4.58 12.46 -5.47
CA PHE B 82 -4.31 11.54 -4.37
C PHE B 82 -5.05 12.02 -3.14
N TYR B 83 -5.73 11.09 -2.46
CA TYR B 83 -6.56 11.43 -1.32
C TYR B 83 -6.31 10.52 -0.12
N GLY B 84 -5.05 10.34 0.23
CA GLY B 84 -4.67 9.63 1.44
C GLY B 84 -4.50 8.13 1.37
N VAL B 85 -3.92 7.61 2.45
CA VAL B 85 -3.72 6.17 2.65
C VAL B 85 -4.67 5.76 3.78
N TRP B 86 -5.44 4.71 3.49
CA TRP B 86 -6.46 4.21 4.41
C TRP B 86 -6.25 2.72 4.65
N GLN B 87 -6.96 2.18 5.63
CA GLN B 87 -6.82 0.76 5.99
C GLN B 87 -8.20 0.20 6.22
N HIS B 88 -8.52 -0.89 5.54
CA HIS B 88 -9.83 -1.54 5.64
C HIS B 88 -9.66 -2.97 6.14
N PHE B 89 -10.33 -3.30 7.24
CA PHE B 89 -10.27 -4.61 7.85
C PHE B 89 -11.66 -5.23 7.88
N TYR B 90 -11.78 -6.46 7.37
CA TYR B 90 -13.05 -7.17 7.33
C TYR B 90 -12.91 -8.54 7.95
N ASP B 91 -13.97 -9.02 8.58
CA ASP B 91 -13.95 -10.33 9.22
C ASP B 91 -14.18 -11.48 8.25
N ASP B 92 -14.56 -11.18 7.02
CA ASP B 92 -14.81 -12.19 6.00
C ASP B 92 -13.91 -11.98 4.79
N ASN B 93 -14.12 -12.78 3.75
CA ASN B 93 -13.30 -12.73 2.55
C ASN B 93 -14.12 -13.06 1.31
N PHE B 94 -13.49 -12.86 0.15
CA PHE B 94 -14.10 -13.04 -1.15
C PHE B 94 -14.87 -14.34 -1.37
N SER B 95 -14.48 -15.40 -0.67
CA SER B 95 -15.09 -16.71 -0.88
C SER B 95 -15.57 -17.39 0.40
N GLY B 96 -15.75 -16.64 1.48
CA GLY B 96 -16.22 -17.24 2.73
C GLY B 96 -16.16 -16.33 3.94
N THR B 97 -16.39 -16.92 5.10
CA THR B 97 -16.37 -16.22 6.38
C THR B 97 -15.33 -16.83 7.32
N ASP B 98 -14.40 -17.57 6.76
CA ASP B 98 -13.41 -18.36 7.51
C ASP B 98 -12.06 -17.70 7.77
N PHE B 99 -11.82 -16.54 7.18
CA PHE B 99 -10.61 -15.76 7.46
C PHE B 99 -10.88 -14.32 7.06
N THR B 100 -10.08 -13.42 7.63
CA THR B 100 -10.24 -11.98 7.44
C THR B 100 -9.58 -11.46 6.16
N THR B 101 -9.99 -10.26 5.77
CA THR B 101 -9.39 -9.54 4.65
C THR B 101 -8.84 -8.21 5.17
N HIS B 102 -7.68 -7.82 4.68
CA HIS B 102 -7.00 -6.59 5.07
C HIS B 102 -6.55 -5.87 3.79
N TYR B 103 -6.97 -4.63 3.63
CA TYR B 103 -6.51 -3.78 2.54
C TYR B 103 -5.79 -2.54 3.06
N VAL B 104 -4.70 -2.18 2.39
CA VAL B 104 -4.06 -0.88 2.53
C VAL B 104 -4.50 -0.18 1.25
N VAL B 105 -5.13 0.98 1.40
CA VAL B 105 -5.85 1.62 0.31
C VAL B 105 -5.31 3.01 -0.04
N LEU B 106 -5.14 3.26 -1.34
CA LEU B 106 -4.74 4.56 -1.83
C LEU B 106 -5.99 5.19 -2.43
N GLY B 107 -6.44 6.30 -1.86
CA GLY B 107 -7.62 6.99 -2.37
C GLY B 107 -7.27 7.97 -3.46
N PHE B 108 -8.16 8.12 -4.44
CA PHE B 108 -8.02 9.10 -5.51
C PHE B 108 -9.37 9.74 -5.78
N ARG B 109 -9.38 11.06 -5.90
CA ARG B 109 -10.60 11.80 -6.19
C ARG B 109 -10.54 12.40 -7.59
N PHE B 110 -11.65 12.33 -8.30
CA PHE B 110 -11.73 12.94 -9.62
C PHE B 110 -13.20 13.13 -10.01
N ARG B 111 -13.43 14.07 -10.91
CA ARG B 111 -14.77 14.39 -11.41
C ARG B 111 -14.91 13.84 -12.83
N VAL B 112 -16.09 13.31 -13.12
CA VAL B 112 -16.39 12.76 -14.44
C VAL B 112 -17.76 13.24 -14.91
N ALA B 113 -18.04 13.02 -16.19
CA ALA B 113 -19.35 13.24 -16.77
C ALA B 113 -20.06 11.88 -16.72
N GLU B 114 -21.24 11.82 -16.10
CA GLU B 114 -22.00 10.57 -16.01
C GLU B 114 -22.22 9.87 -17.35
N GLU B 115 -22.49 10.66 -18.38
CA GLU B 115 -22.78 10.13 -19.71
C GLU B 115 -21.58 9.50 -20.42
N GLU B 116 -20.40 9.63 -19.83
CA GLU B 116 -19.19 9.03 -20.37
C GLU B 116 -18.81 7.74 -19.65
N LEU B 117 -19.56 7.38 -18.61
CA LEU B 117 -19.31 6.13 -17.91
C LEU B 117 -20.18 5.03 -18.52
N LEU B 118 -19.79 3.79 -18.31
CA LEU B 118 -20.56 2.62 -18.71
C LEU B 118 -20.50 1.71 -17.49
N LEU B 119 -21.32 2.02 -16.50
CA LEU B 119 -21.26 1.32 -15.22
C LEU B 119 -21.59 -0.16 -15.38
N PRO B 120 -20.64 -1.04 -15.01
CA PRO B 120 -20.78 -2.48 -15.17
C PRO B 120 -21.61 -3.14 -14.06
N ASP B 121 -22.11 -4.34 -14.32
CA ASP B 121 -22.95 -5.03 -13.34
C ASP B 121 -22.27 -6.21 -12.65
N GLU B 122 -20.99 -6.41 -12.88
CA GLU B 122 -20.28 -7.56 -12.29
C GLU B 122 -20.14 -7.49 -10.77
N GLN B 123 -19.77 -6.31 -10.26
CA GLN B 123 -19.49 -6.15 -8.83
C GLN B 123 -20.53 -5.37 -8.04
N HIS B 124 -21.49 -4.75 -8.73
CA HIS B 124 -22.54 -3.98 -8.06
C HIS B 124 -23.87 -4.22 -8.75
N ASP B 125 -24.94 -4.27 -7.97
CA ASP B 125 -26.28 -4.50 -8.49
C ASP B 125 -27.11 -3.21 -8.59
N ASP B 126 -26.52 -2.08 -8.23
CA ASP B 126 -27.15 -0.77 -8.35
C ASP B 126 -26.06 0.27 -8.11
N TYR B 127 -26.28 1.48 -8.63
CA TYR B 127 -25.36 2.60 -8.44
C TYR B 127 -26.15 3.87 -8.19
N ARG B 128 -25.62 4.72 -7.32
CA ARG B 128 -26.21 6.01 -7.01
C ARG B 128 -25.12 7.07 -6.85
N TRP B 129 -25.51 8.30 -7.14
CA TRP B 129 -24.66 9.47 -6.92
C TRP B 129 -25.27 10.13 -5.69
N LEU B 130 -24.51 10.15 -4.61
CA LEU B 130 -25.03 10.61 -3.32
C LEU B 130 -24.28 11.84 -2.80
N THR B 131 -25.00 12.72 -2.12
CA THR B 131 -24.35 13.86 -1.49
C THR B 131 -23.62 13.35 -0.25
N PRO B 132 -22.55 14.05 0.17
CA PRO B 132 -21.90 13.68 1.43
C PRO B 132 -22.87 13.54 2.61
N ASP B 133 -23.82 14.47 2.76
CA ASP B 133 -24.78 14.36 3.86
C ASP B 133 -25.63 13.09 3.80
N ALA B 134 -26.11 12.74 2.62
CA ALA B 134 -26.93 11.55 2.47
C ALA B 134 -26.14 10.28 2.77
N LEU B 135 -24.93 10.19 2.23
CA LEU B 135 -24.15 8.96 2.42
C LEU B 135 -23.72 8.83 3.87
N LEU B 136 -23.41 9.94 4.53
CA LEU B 136 -23.04 9.90 5.95
C LEU B 136 -24.19 9.52 6.87
N ALA B 137 -25.42 9.74 6.43
CA ALA B 137 -26.60 9.46 7.24
C ALA B 137 -27.13 8.03 7.14
N SER B 138 -26.51 7.19 6.31
CA SER B 138 -26.99 5.84 6.10
C SER B 138 -26.05 4.73 6.57
N GLU B 139 -26.56 3.85 7.42
CA GLU B 139 -25.81 2.67 7.84
C GLU B 139 -25.61 1.66 6.72
N ASN B 140 -26.35 1.81 5.62
CA ASN B 140 -26.17 0.93 4.46
C ASN B 140 -24.95 1.30 3.61
N VAL B 141 -24.35 2.46 3.88
CA VAL B 141 -23.09 2.83 3.26
C VAL B 141 -22.04 2.36 4.25
N HIS B 142 -21.08 1.55 3.80
CA HIS B 142 -20.11 1.00 4.73
C HIS B 142 -19.27 2.10 5.37
N ALA B 143 -18.94 1.93 6.64
CA ALA B 143 -18.10 2.87 7.36
C ALA B 143 -16.81 3.22 6.64
N ASN B 144 -16.20 2.25 5.96
CA ASN B 144 -14.95 2.47 5.24
C ASN B 144 -15.12 3.38 4.03
N SER B 145 -16.35 3.52 3.52
CA SER B 145 -16.63 4.53 2.50
C SER B 145 -17.10 5.84 3.13
N ARG B 146 -17.88 5.78 4.21
CA ARG B 146 -18.34 7.02 4.84
C ARG B 146 -17.19 7.90 5.31
N VAL B 147 -16.11 7.27 5.80
CA VAL B 147 -14.99 8.04 6.35
C VAL B 147 -14.28 8.93 5.34
N TYR B 148 -14.38 8.63 4.05
CA TYR B 148 -13.83 9.50 3.02
C TYR B 148 -14.49 10.87 3.01
N PHE B 149 -15.70 10.96 3.57
CA PHE B 149 -16.50 12.18 3.56
C PHE B 149 -16.65 12.86 4.92
N ASN B 150 -16.06 12.26 5.96
CA ASN B 150 -16.09 12.78 7.32
C ASN B 150 -15.46 14.17 7.43
CA CA C . 13.99 -4.30 6.47
PB GDP D . 13.12 -6.12 3.61
O1B GDP D . 12.18 -5.61 2.55
O2B GDP D . 13.85 -5.02 4.35
O3B GDP D . 14.08 -7.17 3.09
O3A GDP D . 12.29 -7.02 4.66
PA GDP D . 11.57 -6.79 6.07
O1A GDP D . 10.07 -6.65 5.92
O2A GDP D . 12.28 -5.75 6.91
O5' GDP D . 11.80 -8.24 6.73
C5' GDP D . 13.04 -8.61 7.31
C4' GDP D . 13.44 -10.01 6.91
O4' GDP D . 12.37 -10.95 7.07
C3' GDP D . 13.81 -10.11 5.44
O3' GDP D . 14.82 -11.13 5.33
C2' GDP D . 12.53 -10.56 4.75
O2' GDP D . 12.72 -11.37 3.59
C1' GDP D . 11.93 -11.46 5.82
N9 GDP D . 10.46 -11.43 6.00
C8 GDP D . 9.63 -10.39 6.00
N7 GDP D . 8.36 -10.76 6.27
C5 GDP D . 8.41 -12.10 6.48
C6 GDP D . 7.43 -13.14 6.82
O6 GDP D . 6.22 -12.88 7.01
N1 GDP D . 7.91 -14.39 6.94
C2 GDP D . 9.19 -14.72 6.77
N2 GDP D . 9.53 -16.02 6.92
N3 GDP D . 10.16 -13.84 6.46
C4 GDP D . 9.80 -12.54 6.32
CA CA E . -13.81 -3.69 -7.04
PB GDP F . -12.94 -5.77 -4.36
O1B GDP F . -12.06 -5.36 -3.20
O2B GDP F . -13.67 -4.59 -4.97
O3B GDP F . -13.92 -6.87 -4.00
O3A GDP F . -12.08 -6.54 -5.47
PA GDP F . -11.41 -6.22 -6.90
O1A GDP F . -9.92 -6.10 -6.79
O2A GDP F . -12.14 -5.10 -7.59
O5' GDP F . -11.70 -7.63 -7.61
C5' GDP F . -12.95 -7.94 -8.22
C4' GDP F . -13.33 -9.39 -7.91
O4' GDP F . -12.26 -10.30 -8.16
C3' GDP F . -13.70 -9.62 -6.45
O3' GDP F . -14.68 -10.67 -6.42
C2' GDP F . -12.40 -10.09 -5.83
O2' GDP F . -12.58 -10.99 -4.73
C1' GDP F . -11.82 -10.92 -6.95
N9 GDP F . -10.35 -10.92 -7.13
C8 GDP F . -9.51 -9.88 -7.10
N7 GDP F . -8.25 -10.25 -7.38
C5 GDP F . -8.29 -11.58 -7.60
C6 GDP F . -7.31 -12.63 -7.96
O6 GDP F . -6.11 -12.39 -8.14
N1 GDP F . -7.81 -13.87 -8.09
C2 GDP F . -9.10 -14.21 -7.92
N2 GDP F . -9.46 -15.50 -8.09
N3 GDP F . -10.06 -13.33 -7.61
C4 GDP F . -9.69 -12.04 -7.44
#